data_3RS1
#
_entry.id   3RS1
#
_cell.length_a   118.310
_cell.length_b   61.380
_cell.length_c   32.360
_cell.angle_alpha   90.00
_cell.angle_beta   90.00
_cell.angle_gamma   90.00
#
_symmetry.space_group_name_H-M   'P 21 21 2'
#
loop_
_entity.id
_entity.type
_entity.pdbx_description
1 polymer 'C-type lectin domain family 2 member I'
2 non-polymer 'CHLORIDE ION'
3 water water
#
_entity_poly.entity_id   1
_entity_poly.type   'polypeptide(L)'
_entity_poly.pdbx_seq_one_letter_code
;MNKTYAACSKNWTGVGNKCFYFSGYPRNWTFAQAFCMAQEAQLARFDNEEELIFLKRFKGDFDSWIGLHRESSEHPWKWT
NNTEYNNMNPILGVGRYAYLSSDRISSSRSYINRMWICSKLN
;
_entity_poly.pdbx_strand_id   A,B
#
loop_
_chem_comp.id
_chem_comp.type
_chem_comp.name
_chem_comp.formula
CL non-polymer 'CHLORIDE ION' 'Cl -1'
#
# COMPACT_ATOMS: atom_id res chain seq x y z
N MET A 1 1.64 -4.91 15.88
CA MET A 1 2.66 -5.61 16.74
C MET A 1 3.45 -6.64 15.95
N ASN A 2 4.20 -7.49 16.65
CA ASN A 2 4.92 -8.61 16.04
C ASN A 2 3.97 -9.54 15.27
N LYS A 3 4.52 -10.23 14.28
CA LYS A 3 3.74 -11.04 13.36
C LYS A 3 3.92 -12.53 13.71
N THR A 4 2.89 -13.34 13.50
CA THR A 4 2.97 -14.79 13.76
C THR A 4 3.83 -15.51 12.75
N TYR A 5 3.83 -15.00 11.50
CA TYR A 5 4.59 -15.58 10.40
C TYR A 5 5.47 -14.53 9.74
N ALA A 6 6.50 -14.99 9.05
CA ALA A 6 7.52 -14.09 8.46
C ALA A 6 6.94 -13.01 7.52
N ALA A 7 5.91 -13.37 6.77
CA ALA A 7 5.37 -12.50 5.76
C ALA A 7 3.88 -12.78 5.55
N CYS A 8 3.22 -11.83 4.92
CA CYS A 8 1.88 -12.05 4.40
C CYS A 8 2.00 -13.09 3.30
N SER A 9 0.91 -13.79 3.03
CA SER A 9 0.82 -14.60 1.82
C SER A 9 1.05 -13.75 0.55
N LYS A 10 1.50 -14.43 -0.51
CA LYS A 10 1.73 -13.83 -1.81
C LYS A 10 0.52 -13.03 -2.24
N ASN A 11 0.78 -11.80 -2.68
CA ASN A 11 -0.22 -10.83 -3.18
C ASN A 11 -1.01 -10.09 -2.11
N TRP A 12 -0.72 -10.33 -0.84
CA TRP A 12 -1.24 -9.51 0.23
C TRP A 12 -0.15 -8.58 0.77
N THR A 13 -0.58 -7.48 1.36
CA THR A 13 0.26 -6.38 1.78
C THR A 13 0.04 -6.10 3.28
N GLY A 14 1.14 -5.81 3.97
CA GLY A 14 1.14 -5.83 5.42
C GLY A 14 1.33 -4.46 5.98
N VAL A 15 0.54 -4.15 7.02
CA VAL A 15 0.69 -2.96 7.87
C VAL A 15 0.69 -3.54 9.27
N GLY A 16 1.75 -3.29 10.03
CA GLY A 16 1.95 -3.96 11.31
C GLY A 16 1.68 -5.46 11.16
N ASN A 17 0.82 -6.00 12.02
CA ASN A 17 0.53 -7.44 12.01
C ASN A 17 -0.74 -7.81 11.23
N LYS A 18 -1.17 -6.94 10.33
CA LYS A 18 -2.33 -7.20 9.44
C LYS A 18 -1.87 -7.33 8.00
N CYS A 19 -2.65 -8.06 7.21
CA CYS A 19 -2.38 -8.36 5.82
C CYS A 19 -3.64 -8.00 5.04
N PHE A 20 -3.47 -7.33 3.90
CA PHE A 20 -4.58 -6.78 3.15
C PHE A 20 -4.54 -7.21 1.69
N TYR A 21 -5.71 -7.31 1.08
CA TYR A 21 -5.92 -7.72 -0.33
C TYR A 21 -6.94 -6.78 -1.00
N PHE A 22 -6.56 -6.21 -2.14
CA PHE A 22 -7.38 -5.31 -2.94
C PHE A 22 -7.96 -6.10 -4.09
N SER A 23 -9.29 -6.07 -4.19
CA SER A 23 -10.01 -6.89 -5.15
C SER A 23 -9.59 -6.67 -6.57
N GLY A 24 -9.44 -5.41 -6.96
CA GLY A 24 -9.18 -5.07 -8.37
C GLY A 24 -10.37 -5.18 -9.34
N TYR A 25 -11.56 -5.54 -8.86
CA TYR A 25 -12.79 -5.44 -9.68
C TYR A 25 -14.00 -5.26 -8.76
N PRO A 26 -15.08 -4.57 -9.22
CA PRO A 26 -16.11 -4.17 -8.23
C PRO A 26 -17.33 -5.11 -8.14
N ARG A 27 -17.79 -5.39 -6.92
CA ARG A 27 -19.07 -6.11 -6.73
C ARG A 27 -19.79 -5.58 -5.48
N ASN A 28 -20.94 -6.19 -5.20
CA ASN A 28 -21.79 -5.80 -4.08
C ASN A 28 -21.16 -6.23 -2.75
N TRP A 29 -21.59 -5.59 -1.67
CA TRP A 29 -20.96 -5.83 -0.37
C TRP A 29 -21.06 -7.29 0.04
N THR A 30 -22.19 -7.93 -0.26
CA THR A 30 -22.41 -9.31 0.13
C THR A 30 -21.46 -10.31 -0.55
N PHE A 31 -21.31 -10.16 -1.86
CA PHE A 31 -20.34 -10.96 -2.64
C PHE A 31 -18.92 -10.69 -2.13
N ALA A 32 -18.63 -9.43 -1.83
CA ALA A 32 -17.29 -9.06 -1.32
C ALA A 32 -16.97 -9.77 0.00
N GLN A 33 -17.89 -9.74 0.97
CA GLN A 33 -17.68 -10.44 2.22
C GLN A 33 -17.53 -11.96 2.04
N ALA A 34 -18.31 -12.54 1.13
CA ALA A 34 -18.20 -13.98 0.86
C ALA A 34 -16.83 -14.27 0.26
N PHE A 35 -16.34 -13.39 -0.58
CA PHE A 35 -14.99 -13.57 -1.13
C PHE A 35 -13.93 -13.57 -0.03
N CYS A 36 -13.96 -12.55 0.82
CA CYS A 36 -12.99 -12.45 1.89
C CYS A 36 -13.09 -13.68 2.79
N MET A 37 -14.31 -14.09 3.13
CA MET A 37 -14.49 -15.26 3.96
CA MET A 37 -14.50 -15.27 3.97
C MET A 37 -13.83 -16.50 3.35
N ALA A 38 -13.99 -16.67 2.03
CA ALA A 38 -13.36 -17.78 1.29
C ALA A 38 -11.81 -17.76 1.27
N GLN A 39 -11.23 -16.61 1.59
CA GLN A 39 -9.77 -16.45 1.77
C GLN A 39 -9.35 -16.48 3.25
N GLU A 40 -10.27 -16.94 4.12
CA GLU A 40 -10.08 -16.95 5.58
C GLU A 40 -9.77 -15.54 6.14
N ALA A 41 -10.54 -14.57 5.66
CA ALA A 41 -10.31 -13.17 5.93
C ALA A 41 -11.67 -12.52 6.01
N GLN A 42 -11.69 -11.20 6.10
CA GLN A 42 -12.97 -10.47 6.18
C GLN A 42 -12.83 -9.19 5.43
N LEU A 43 -13.95 -8.56 5.12
CA LEU A 43 -13.92 -7.22 4.58
C LEU A 43 -13.10 -6.37 5.56
N ALA A 44 -12.28 -5.48 5.01
CA ALA A 44 -11.20 -4.78 5.79
C ALA A 44 -11.65 -4.22 7.15
N ARG A 45 -10.97 -4.63 8.21
CA ARG A 45 -11.04 -3.91 9.50
C ARG A 45 -9.79 -3.04 9.66
N PHE A 46 -9.94 -1.95 10.41
CA PHE A 46 -8.83 -1.16 10.89
C PHE A 46 -9.01 -1.05 12.39
N ASP A 47 -7.93 -1.19 13.12
CA ASP A 47 -7.95 -1.04 14.56
C ASP A 47 -7.18 0.17 15.03
N ASN A 48 -6.66 0.96 14.09
CA ASN A 48 -5.99 2.24 14.39
C ASN A 48 -5.91 3.15 13.15
N GLU A 49 -5.42 4.37 13.35
CA GLU A 49 -5.27 5.36 12.30
C GLU A 49 -4.25 4.95 11.22
N GLU A 50 -3.15 4.32 11.59
CA GLU A 50 -2.19 3.92 10.58
C GLU A 50 -2.86 3.01 9.55
N GLU A 51 -3.61 2.03 10.06
CA GLU A 51 -4.29 1.06 9.20
C GLU A 51 -5.34 1.74 8.31
N LEU A 52 -6.08 2.69 8.87
CA LEU A 52 -7.06 3.44 8.10
C LEU A 52 -6.42 4.29 6.98
N ILE A 53 -5.33 4.96 7.30
CA ILE A 53 -4.60 5.79 6.32
C ILE A 53 -4.09 4.91 5.17
N PHE A 54 -3.58 3.73 5.53
CA PHE A 54 -3.19 2.75 4.53
C PHE A 54 -4.37 2.36 3.64
N LEU A 55 -5.54 2.03 4.23
CA LEU A 55 -6.67 1.60 3.40
C LEU A 55 -7.13 2.72 2.47
N LYS A 56 -7.14 3.97 2.97
CA LYS A 56 -7.62 5.08 2.16
C LYS A 56 -6.71 5.30 0.94
N ARG A 57 -5.40 4.99 1.11
CA ARG A 57 -4.47 4.98 -0.02
C ARG A 57 -4.46 3.72 -0.93
N PHE A 58 -4.53 2.53 -0.33
CA PHE A 58 -4.49 1.24 -1.03
C PHE A 58 -5.64 1.05 -2.05
N LYS A 59 -6.79 1.69 -1.79
CA LYS A 59 -7.93 1.62 -2.69
C LYS A 59 -7.72 2.46 -3.98
N GLY A 60 -6.69 3.31 -4.04
CA GLY A 60 -6.38 4.06 -5.26
C GLY A 60 -7.45 5.11 -5.50
N ASP A 61 -7.95 5.23 -6.71
CA ASP A 61 -9.02 6.20 -6.99
C ASP A 61 -10.43 5.59 -6.87
N PHE A 62 -10.49 4.33 -6.45
CA PHE A 62 -11.75 3.59 -6.34
C PHE A 62 -12.28 3.66 -4.92
N ASP A 63 -13.60 3.59 -4.75
CA ASP A 63 -14.14 3.43 -3.41
C ASP A 63 -13.74 2.02 -2.96
N SER A 64 -14.02 1.65 -1.71
CA SER A 64 -13.82 0.27 -1.30
C SER A 64 -14.72 -0.07 -0.13
N TRP A 65 -15.51 -1.13 -0.27
CA TRP A 65 -16.19 -1.72 0.86
C TRP A 65 -15.22 -2.02 1.98
N ILE A 66 -15.67 -1.84 3.22
CA ILE A 66 -14.99 -2.34 4.42
C ILE A 66 -15.95 -3.11 5.31
N GLY A 67 -15.41 -3.72 6.33
CA GLY A 67 -16.18 -4.63 7.15
C GLY A 67 -17.07 -4.03 8.20
N LEU A 68 -17.61 -2.83 7.98
CA LEU A 68 -18.56 -2.29 8.94
C LEU A 68 -19.99 -2.37 8.43
N HIS A 69 -20.90 -2.80 9.29
CA HIS A 69 -22.31 -2.87 8.93
C HIS A 69 -23.19 -2.57 10.15
N ARG A 70 -24.41 -2.14 9.88
CA ARG A 70 -25.38 -1.90 10.93
C ARG A 70 -26.76 -2.35 10.45
N GLU A 71 -27.66 -2.63 11.39
CA GLU A 71 -29.02 -3.11 11.05
C GLU A 71 -29.87 -2.05 10.40
N SER A 72 -29.63 -0.78 10.76
CA SER A 72 -30.36 0.34 10.23
C SER A 72 -29.54 1.56 10.54
N SER A 73 -29.92 2.70 9.99
CA SER A 73 -29.28 3.96 10.31
C SER A 73 -29.42 4.36 11.79
N GLU A 74 -30.19 3.61 12.59
CA GLU A 74 -30.37 3.92 14.02
C GLU A 74 -29.78 2.86 14.93
N HIS A 75 -28.92 1.99 14.36
CA HIS A 75 -28.21 0.96 15.13
C HIS A 75 -26.70 1.24 15.10
N PRO A 76 -25.99 0.77 16.13
CA PRO A 76 -24.54 0.99 16.13
C PRO A 76 -23.80 0.17 15.06
N TRP A 77 -22.80 0.79 14.45
CA TRP A 77 -21.87 0.07 13.59
C TRP A 77 -21.18 -1.15 14.25
N LYS A 78 -21.10 -2.23 13.50
CA LYS A 78 -20.43 -3.46 13.95
C LYS A 78 -19.49 -3.96 12.85
N TRP A 79 -18.42 -4.66 13.24
CA TRP A 79 -17.55 -5.30 12.28
C TRP A 79 -18.22 -6.58 11.82
N THR A 80 -17.74 -7.15 10.72
CA THR A 80 -18.23 -8.44 10.27
C THR A 80 -17.99 -9.63 11.26
N ASN A 81 -17.02 -9.51 12.17
CA ASN A 81 -16.96 -10.47 13.29
C ASN A 81 -17.99 -10.12 14.42
N ASN A 82 -18.84 -9.13 14.13
CA ASN A 82 -19.90 -8.64 15.02
C ASN A 82 -19.43 -7.98 16.34
N THR A 83 -18.12 -7.75 16.48
CA THR A 83 -17.62 -6.88 17.55
C THR A 83 -17.95 -5.42 17.27
N GLU A 84 -18.02 -4.64 18.35
CA GLU A 84 -18.42 -3.26 18.25
C GLU A 84 -17.33 -2.41 17.62
N TYR A 85 -17.78 -1.49 16.79
CA TYR A 85 -16.94 -0.43 16.28
C TYR A 85 -16.74 0.57 17.43
N ASN A 86 -15.49 0.99 17.60
CA ASN A 86 -15.10 1.90 18.65
C ASN A 86 -15.37 3.36 18.31
N ASN A 87 -15.96 3.63 17.15
CA ASN A 87 -16.41 4.96 16.78
C ASN A 87 -15.34 6.07 16.77
N MET A 88 -14.06 5.73 16.62
CA MET A 88 -13.01 6.75 16.57
C MET A 88 -13.15 7.69 15.35
N ASN A 89 -13.72 7.20 14.25
CA ASN A 89 -13.93 8.00 13.06
C ASN A 89 -15.41 8.07 12.69
N PRO A 90 -15.89 9.25 12.24
CA PRO A 90 -17.28 9.39 11.85
C PRO A 90 -17.54 8.63 10.56
N ILE A 91 -18.75 8.12 10.40
CA ILE A 91 -19.17 7.48 9.17
C ILE A 91 -20.34 8.32 8.64
N LEU A 92 -20.21 8.76 7.40
CA LEU A 92 -21.22 9.60 6.77
C LEU A 92 -22.42 8.76 6.30
N GLY A 93 -23.58 9.39 6.22
CA GLY A 93 -24.77 8.83 5.59
C GLY A 93 -25.69 7.99 6.44
N VAL A 94 -26.65 7.35 5.76
CA VAL A 94 -27.67 6.55 6.41
C VAL A 94 -27.82 5.15 5.83
N GLY A 95 -26.86 4.67 5.05
CA GLY A 95 -26.91 3.28 4.54
C GLY A 95 -26.42 2.29 5.58
N ARG A 96 -26.69 1.00 5.37
CA ARG A 96 -26.33 -0.03 6.32
C ARG A 96 -24.91 -0.59 6.19
N TYR A 97 -24.24 -0.28 5.07
CA TYR A 97 -22.97 -0.90 4.72
C TYR A 97 -21.92 0.14 4.46
N ALA A 98 -20.72 -0.04 5.06
CA ALA A 98 -19.71 1.03 5.00
C ALA A 98 -18.73 0.84 3.86
N TYR A 99 -18.27 1.97 3.32
CA TYR A 99 -17.20 1.97 2.32
C TYR A 99 -16.31 3.21 2.44
N LEU A 100 -15.06 3.09 2.01
CA LEU A 100 -14.14 4.22 1.95
C LEU A 100 -14.36 4.97 0.67
N SER A 101 -14.44 6.29 0.73
CA SER A 101 -14.49 7.11 -0.47
C SER A 101 -13.65 8.39 -0.29
N SER A 102 -12.72 8.63 -1.20
CA SER A 102 -11.70 9.68 -1.01
C SER A 102 -11.04 9.47 0.36
N ASP A 103 -11.14 10.42 1.27
CA ASP A 103 -10.53 10.28 2.60
C ASP A 103 -11.56 10.16 3.74
N ARG A 104 -12.77 9.74 3.42
CA ARG A 104 -13.84 9.58 4.43
C ARG A 104 -14.52 8.22 4.34
N ILE A 105 -15.30 7.91 5.36
CA ILE A 105 -16.04 6.64 5.43
C ILE A 105 -17.48 6.96 5.19
N SER A 106 -18.08 6.35 4.17
CA SER A 106 -19.47 6.63 3.84
C SER A 106 -20.31 5.35 3.98
N SER A 107 -21.60 5.42 3.66
CA SER A 107 -22.46 4.27 3.85
C SER A 107 -23.51 4.23 2.75
N SER A 108 -24.03 3.04 2.52
CA SER A 108 -25.03 2.86 1.48
C SER A 108 -25.60 1.49 1.60
N ARG A 109 -26.63 1.22 0.82
CA ARG A 109 -27.13 -0.14 0.62
C ARG A 109 -26.05 -0.99 -0.08
N SER A 110 -26.31 -2.28 -0.16
CA SER A 110 -25.29 -3.26 -0.50
C SER A 110 -25.13 -3.56 -1.98
N TYR A 111 -26.22 -3.50 -2.76
CA TYR A 111 -26.17 -3.94 -4.17
C TYR A 111 -25.78 -2.76 -5.07
N ILE A 112 -24.57 -2.26 -4.80
CA ILE A 112 -23.86 -1.29 -5.59
C ILE A 112 -22.50 -1.94 -5.81
N ASN A 113 -22.00 -1.90 -7.03
CA ASN A 113 -20.70 -2.48 -7.35
C ASN A 113 -19.61 -1.52 -6.96
N ARG A 114 -18.75 -1.98 -6.05
CA ARG A 114 -17.56 -1.23 -5.64
C ARG A 114 -16.41 -2.19 -5.46
N MET A 115 -15.19 -1.67 -5.57
CA MET A 115 -14.02 -2.46 -5.20
C MET A 115 -14.10 -2.82 -3.72
N TRP A 116 -13.25 -3.77 -3.28
CA TRP A 116 -13.16 -4.09 -1.88
C TRP A 116 -11.77 -4.45 -1.47
N ILE A 117 -11.55 -4.40 -0.17
CA ILE A 117 -10.30 -4.81 0.42
C ILE A 117 -10.62 -5.83 1.49
N CYS A 118 -9.86 -6.91 1.53
CA CYS A 118 -9.97 -7.87 2.61
C CYS A 118 -8.83 -7.67 3.58
N SER A 119 -9.02 -8.13 4.81
CA SER A 119 -7.98 -8.12 5.80
C SER A 119 -8.03 -9.39 6.60
N LYS A 120 -6.86 -9.73 7.13
CA LYS A 120 -6.69 -10.81 8.10
C LYS A 120 -5.44 -10.50 8.92
N LEU A 121 -5.29 -11.17 10.05
CA LEU A 121 -4.10 -11.07 10.88
C LEU A 121 -2.95 -11.90 10.33
N ASN A 122 -1.75 -11.35 10.47
CA ASN A 122 -0.57 -12.16 10.47
C ASN A 122 -0.21 -12.59 11.91
N MET B 1 6.62 -18.31 25.44
CA MET B 1 6.99 -17.65 24.15
C MET B 1 7.29 -18.68 23.06
N ASN B 2 7.08 -18.32 21.79
CA ASN B 2 7.18 -19.31 20.68
C ASN B 2 8.18 -19.03 19.54
N LYS B 3 8.32 -17.75 19.18
CA LYS B 3 9.09 -17.22 18.03
C LYS B 3 8.15 -16.43 17.13
N THR B 4 8.44 -15.13 16.98
CA THR B 4 7.63 -14.24 16.15
C THR B 4 8.53 -13.45 15.21
N TYR B 5 7.92 -12.61 14.37
CA TYR B 5 8.61 -11.88 13.31
C TYR B 5 8.33 -10.38 13.41
N ALA B 6 9.36 -9.58 13.18
CA ALA B 6 9.25 -8.13 13.28
C ALA B 6 8.32 -7.59 12.19
N ALA B 7 7.42 -6.72 12.59
CA ALA B 7 6.54 -6.02 11.66
C ALA B 7 7.36 -4.89 11.08
N CYS B 8 6.95 -4.34 9.95
CA CYS B 8 7.61 -3.14 9.45
C CYS B 8 7.51 -2.06 10.53
N SER B 9 8.48 -1.15 10.56
CA SER B 9 8.37 -0.03 11.44
C SER B 9 7.07 0.72 11.15
N LYS B 10 6.60 1.46 12.15
CA LYS B 10 5.43 2.31 12.03
C LYS B 10 5.55 3.21 10.78
N ASN B 11 4.45 3.35 10.05
CA ASN B 11 4.41 4.08 8.76
C ASN B 11 5.13 3.42 7.56
N TRP B 12 5.67 2.21 7.73
CA TRP B 12 6.19 1.46 6.59
C TRP B 12 5.23 0.33 6.24
N THR B 13 5.24 -0.08 4.98
CA THR B 13 4.31 -1.07 4.49
C THR B 13 5.11 -2.22 3.93
N GLY B 14 4.65 -3.44 4.21
CA GLY B 14 5.34 -4.65 3.82
C GLY B 14 4.79 -5.32 2.58
N VAL B 15 5.69 -5.72 1.69
CA VAL B 15 5.37 -6.72 0.67
C VAL B 15 6.45 -7.77 0.79
N GLY B 16 6.05 -8.98 1.17
CA GLY B 16 7.02 -10.06 1.36
C GLY B 16 7.97 -9.73 2.49
N ASN B 17 9.27 -9.95 2.26
CA ASN B 17 10.32 -9.58 3.23
C ASN B 17 10.78 -8.10 3.15
N LYS B 18 10.11 -7.29 2.33
CA LYS B 18 10.52 -5.90 2.17
C LYS B 18 9.64 -4.99 3.02
N CYS B 19 10.19 -3.86 3.45
CA CYS B 19 9.39 -2.76 4.00
C CYS B 19 9.61 -1.46 3.17
N PHE B 20 8.52 -0.74 2.90
CA PHE B 20 8.54 0.44 2.02
C PHE B 20 7.96 1.68 2.70
N TYR B 21 8.50 2.85 2.35
CA TYR B 21 8.11 4.13 2.96
C TYR B 21 7.89 5.15 1.87
N PHE B 22 6.75 5.84 1.92
CA PHE B 22 6.35 6.78 0.89
C PHE B 22 6.42 8.16 1.49
N SER B 23 7.16 9.04 0.83
CA SER B 23 7.49 10.33 1.41
C SER B 23 6.22 11.17 1.43
N GLY B 24 6.23 12.16 2.29
CA GLY B 24 5.08 13.05 2.43
C GLY B 24 5.22 14.36 1.69
N TYR B 25 6.35 14.56 0.98
CA TYR B 25 6.60 15.80 0.22
C TYR B 25 7.70 15.59 -0.84
N PRO B 26 7.76 16.48 -1.85
CA PRO B 26 8.64 16.24 -3.00
C PRO B 26 10.01 16.92 -2.85
N ARG B 27 11.07 16.19 -3.16
CA ARG B 27 12.45 16.74 -3.24
C ARG B 27 13.22 16.09 -4.40
N ASN B 28 14.46 16.54 -4.61
CA ASN B 28 15.29 16.03 -5.69
C ASN B 28 15.87 14.66 -5.35
N TRP B 29 16.44 14.00 -6.36
CA TRP B 29 16.78 12.58 -6.22
C TRP B 29 17.87 12.38 -5.17
N THR B 30 18.82 13.29 -5.15
CA THR B 30 19.91 13.31 -4.17
C THR B 30 19.48 13.40 -2.70
N PHE B 31 18.57 14.33 -2.41
CA PHE B 31 17.95 14.50 -1.10
C PHE B 31 17.18 13.26 -0.70
N ALA B 32 16.41 12.72 -1.65
CA ALA B 32 15.64 11.51 -1.40
C ALA B 32 16.57 10.35 -1.01
N GLN B 33 17.68 10.17 -1.73
CA GLN B 33 18.61 9.07 -1.44
C GLN B 33 19.26 9.26 -0.08
N ALA B 34 19.64 10.48 0.22
CA ALA B 34 20.19 10.82 1.54
C ALA B 34 19.19 10.50 2.63
N PHE B 35 17.93 10.89 2.44
CA PHE B 35 16.88 10.55 3.40
C PHE B 35 16.79 9.04 3.67
N CYS B 36 16.72 8.25 2.60
CA CYS B 36 16.58 6.82 2.76
C CYS B 36 17.77 6.22 3.54
N MET B 37 18.98 6.67 3.24
CA MET B 37 20.15 6.12 3.93
CA MET B 37 20.16 6.14 3.93
CA MET B 37 20.17 6.15 3.92
C MET B 37 20.13 6.52 5.40
N ALA B 38 19.59 7.69 5.69
CA ALA B 38 19.47 8.12 7.08
C ALA B 38 18.44 7.26 7.85
N GLN B 39 17.58 6.55 7.13
CA GLN B 39 16.60 5.63 7.72
C GLN B 39 17.08 4.19 7.66
N GLU B 40 18.37 3.98 7.38
CA GLU B 40 18.97 2.65 7.26
C GLU B 40 18.24 1.87 6.14
N ALA B 41 17.94 2.60 5.07
CA ALA B 41 17.18 2.09 3.95
C ALA B 41 17.88 2.55 2.67
N GLN B 42 17.27 2.31 1.52
CA GLN B 42 17.76 2.84 0.24
C GLN B 42 16.57 3.37 -0.56
N LEU B 43 16.82 4.32 -1.46
CA LEU B 43 15.79 4.66 -2.43
C LEU B 43 15.34 3.33 -3.04
N ALA B 44 14.04 3.21 -3.27
CA ALA B 44 13.37 1.92 -3.30
C ALA B 44 13.85 1.04 -4.42
N ARG B 45 14.13 -0.19 -4.06
CA ARG B 45 14.43 -1.24 -5.00
C ARG B 45 13.28 -2.21 -5.01
N PHE B 46 12.97 -2.77 -6.18
CA PHE B 46 12.04 -3.86 -6.33
C PHE B 46 12.76 -5.01 -7.03
N ASP B 47 12.42 -6.22 -6.63
CA ASP B 47 13.08 -7.42 -7.16
C ASP B 47 12.11 -8.36 -7.88
N ASN B 48 10.84 -8.00 -7.94
CA ASN B 48 9.85 -8.82 -8.67
C ASN B 48 8.63 -7.99 -8.98
N GLU B 49 7.75 -8.58 -9.79
CA GLU B 49 6.57 -7.87 -10.24
C GLU B 49 5.57 -7.55 -9.12
N GLU B 50 5.47 -8.39 -8.07
CA GLU B 50 4.53 -8.08 -6.99
C GLU B 50 4.95 -6.79 -6.25
N GLU B 51 6.23 -6.63 -5.96
CA GLU B 51 6.67 -5.39 -5.36
C GLU B 51 6.46 -4.20 -6.29
N LEU B 52 6.74 -4.39 -7.58
CA LEU B 52 6.62 -3.27 -8.51
C LEU B 52 5.17 -2.74 -8.66
N ILE B 53 4.21 -3.64 -8.80
CA ILE B 53 2.81 -3.30 -8.83
C ILE B 53 2.39 -2.61 -7.55
N PHE B 54 2.79 -3.13 -6.39
CA PHE B 54 2.47 -2.42 -5.13
C PHE B 54 2.97 -0.94 -5.12
N LEU B 55 4.26 -0.74 -5.45
CA LEU B 55 4.87 0.59 -5.50
C LEU B 55 4.12 1.49 -6.44
N LYS B 56 3.75 1.01 -7.63
CA LYS B 56 3.00 1.83 -8.59
C LYS B 56 1.60 2.21 -8.10
N ARG B 57 0.89 1.27 -7.45
CA ARG B 57 -0.47 1.55 -6.98
C ARG B 57 -0.47 2.52 -5.81
N PHE B 58 0.44 2.27 -4.88
CA PHE B 58 0.47 3.01 -3.66
C PHE B 58 1.01 4.44 -3.82
N LYS B 59 2.00 4.64 -4.68
CA LYS B 59 2.45 6.03 -4.96
C LYS B 59 1.37 6.86 -5.66
N GLY B 60 0.49 6.20 -6.43
CA GLY B 60 -0.71 6.85 -7.00
C GLY B 60 -0.42 7.97 -7.98
N ASP B 61 -0.99 9.14 -7.70
CA ASP B 61 -0.91 10.32 -8.56
C ASP B 61 0.40 11.07 -8.35
N PHE B 62 1.20 10.64 -7.38
CA PHE B 62 2.48 11.30 -7.08
C PHE B 62 3.65 10.61 -7.78
N ASP B 63 4.22 11.25 -8.79
CA ASP B 63 5.41 10.73 -9.47
C ASP B 63 6.53 10.53 -8.43
N SER B 64 7.12 9.35 -8.38
CA SER B 64 7.96 8.98 -7.25
C SER B 64 9.29 8.42 -7.65
N TRP B 65 10.33 9.01 -7.07
CA TRP B 65 11.68 8.54 -7.27
C TRP B 65 11.92 7.12 -6.67
N ILE B 66 12.69 6.32 -7.38
CA ILE B 66 13.17 5.03 -6.90
C ILE B 66 14.69 4.98 -7.16
N GLY B 67 15.33 3.92 -6.68
CA GLY B 67 16.77 3.93 -6.52
C GLY B 67 17.54 3.43 -7.72
N LEU B 68 17.08 3.73 -8.94
CA LEU B 68 17.81 3.40 -10.17
C LEU B 68 18.39 4.63 -10.79
N HIS B 69 19.68 4.50 -11.15
CA HIS B 69 20.43 5.55 -11.81
CA HIS B 69 20.51 5.55 -11.74
C HIS B 69 21.43 4.95 -12.81
N ARG B 70 21.70 5.71 -13.86
CA ARG B 70 22.68 5.35 -14.91
C ARG B 70 23.57 6.56 -15.22
N GLU B 71 24.85 6.32 -15.56
CA GLU B 71 25.79 7.43 -15.77
C GLU B 71 25.46 8.25 -17.02
N SER B 72 24.95 7.55 -18.03
CA SER B 72 24.44 8.19 -19.24
C SER B 72 23.34 7.31 -19.84
N SER B 73 22.64 7.83 -20.85
CA SER B 73 21.73 7.03 -21.66
C SER B 73 22.39 5.78 -22.29
N GLU B 74 23.72 5.68 -22.24
CA GLU B 74 24.42 4.54 -22.82
C GLU B 74 24.89 3.52 -21.78
N HIS B 75 24.83 3.88 -20.51
CA HIS B 75 25.34 3.02 -19.42
C HIS B 75 24.19 2.19 -18.81
N PRO B 76 24.49 1.04 -18.18
CA PRO B 76 23.43 0.19 -17.59
C PRO B 76 22.80 0.84 -16.36
N TRP B 77 21.50 0.61 -16.18
CA TRP B 77 20.84 1.01 -14.94
C TRP B 77 21.44 0.24 -13.75
N LYS B 78 21.72 0.96 -12.68
CA LYS B 78 22.21 0.38 -11.43
C LYS B 78 21.37 0.86 -10.26
N TRP B 79 21.24 0.00 -9.26
CA TRP B 79 20.64 0.37 -7.98
C TRP B 79 21.61 1.24 -7.19
N THR B 80 21.11 1.86 -6.13
CA THR B 80 21.98 2.73 -5.31
C THR B 80 23.05 1.93 -4.57
N ASN B 81 22.80 0.65 -4.31
CA ASN B 81 23.80 -0.28 -3.72
C ASN B 81 24.85 -0.78 -4.72
N ASN B 82 24.81 -0.24 -5.93
CA ASN B 82 25.79 -0.47 -6.99
C ASN B 82 25.77 -1.86 -7.67
N THR B 83 24.65 -2.54 -7.56
CA THR B 83 24.43 -3.77 -8.32
C THR B 83 23.64 -3.40 -9.59
N GLU B 84 23.75 -4.24 -10.61
CA GLU B 84 23.10 -3.98 -11.89
C GLU B 84 21.59 -4.23 -11.83
N TYR B 85 20.83 -3.34 -12.44
CA TYR B 85 19.43 -3.59 -12.71
C TYR B 85 19.31 -4.79 -13.68
N ASN B 86 18.36 -5.67 -13.39
CA ASN B 86 18.24 -6.92 -14.17
C ASN B 86 17.45 -6.72 -15.46
N ASN B 87 16.94 -5.49 -15.67
CA ASN B 87 16.35 -5.14 -16.95
C ASN B 87 15.08 -5.94 -17.30
N MET B 88 14.37 -6.49 -16.30
CA MET B 88 13.11 -7.18 -16.55
C MET B 88 12.02 -6.22 -17.05
N ASN B 89 12.02 -4.99 -16.53
CA ASN B 89 11.02 -4.00 -16.92
C ASN B 89 11.69 -2.82 -17.65
N PRO B 90 11.04 -2.34 -18.74
CA PRO B 90 11.51 -1.16 -19.47
C PRO B 90 11.42 0.13 -18.65
N ILE B 91 12.44 0.96 -18.81
CA ILE B 91 12.39 2.34 -18.28
C ILE B 91 12.31 3.29 -19.48
N LEU B 92 11.28 4.11 -19.49
CA LEU B 92 11.09 5.10 -20.53
C LEU B 92 11.99 6.30 -20.37
N GLY B 93 12.03 7.11 -21.42
CA GLY B 93 12.75 8.39 -21.43
C GLY B 93 14.23 8.26 -21.71
N VAL B 94 14.96 9.36 -21.55
CA VAL B 94 16.40 9.42 -21.80
C VAL B 94 17.17 10.01 -20.60
N GLY B 95 16.55 10.04 -19.43
CA GLY B 95 17.16 10.64 -18.25
C GLY B 95 18.03 9.64 -17.50
N ARG B 96 18.78 10.14 -16.55
CA ARG B 96 19.74 9.33 -15.79
C ARG B 96 19.14 8.88 -14.44
N TYR B 97 17.95 9.36 -14.10
CA TYR B 97 17.34 9.02 -12.82
C TYR B 97 15.94 8.50 -13.00
N ALA B 98 15.61 7.39 -12.36
CA ALA B 98 14.31 6.74 -12.58
C ALA B 98 13.24 7.19 -11.59
N TYR B 99 12.00 7.23 -12.06
CA TYR B 99 10.83 7.49 -11.20
C TYR B 99 9.63 6.75 -11.70
N LEU B 100 8.68 6.46 -10.79
CA LEU B 100 7.42 5.85 -11.17
C LEU B 100 6.39 6.91 -11.47
N SER B 101 5.65 6.70 -12.55
CA SER B 101 4.64 7.61 -13.00
C SER B 101 3.47 6.81 -13.55
N SER B 102 2.27 7.07 -13.02
CA SER B 102 1.08 6.23 -13.27
C SER B 102 1.48 4.77 -13.16
N ASP B 103 1.46 4.01 -14.25
CA ASP B 103 1.90 2.60 -14.23
C ASP B 103 3.22 2.36 -15.02
N ARG B 104 3.96 3.43 -15.31
CA ARG B 104 5.20 3.34 -16.09
C ARG B 104 6.42 3.63 -15.22
N ILE B 105 7.59 3.11 -15.61
CA ILE B 105 8.84 3.58 -15.06
C ILE B 105 9.40 4.57 -16.07
N SER B 106 9.72 5.80 -15.64
CA SER B 106 10.30 6.78 -16.56
C SER B 106 11.62 7.29 -16.01
N SER B 107 12.14 8.35 -16.62
CA SER B 107 13.46 8.83 -16.25
C SER B 107 13.62 10.29 -16.57
N SER B 108 14.49 10.96 -15.82
CA SER B 108 14.64 12.40 -15.96
C SER B 108 15.93 12.85 -15.29
N ARG B 109 16.16 14.15 -15.33
CA ARG B 109 17.24 14.78 -14.60
C ARG B 109 16.91 14.70 -13.10
N SER B 110 17.94 14.71 -12.26
CA SER B 110 17.72 14.53 -10.80
C SER B 110 17.10 15.74 -10.10
N TYR B 111 17.21 16.93 -10.67
CA TYR B 111 16.85 18.18 -9.95
C TYR B 111 15.35 18.36 -9.68
N ILE B 112 14.50 17.61 -10.35
CA ILE B 112 13.05 17.77 -10.23
C ILE B 112 12.60 17.32 -8.83
N ASN B 113 11.74 18.12 -8.19
CA ASN B 113 11.18 17.77 -6.92
C ASN B 113 10.07 16.73 -7.13
N ARG B 114 10.26 15.56 -6.52
CA ARG B 114 9.27 14.47 -6.60
C ARG B 114 9.15 13.85 -5.24
N MET B 115 7.96 13.31 -4.93
CA MET B 115 7.87 12.30 -3.88
C MET B 115 8.90 11.20 -4.14
N TRP B 116 9.23 10.45 -3.10
CA TRP B 116 10.09 9.26 -3.22
C TRP B 116 9.61 8.09 -2.36
N ILE B 117 10.22 6.93 -2.60
CA ILE B 117 9.94 5.71 -1.84
C ILE B 117 11.27 5.17 -1.30
N CYS B 118 11.28 4.78 -0.03
CA CYS B 118 12.42 4.03 0.52
C CYS B 118 12.01 2.58 0.64
N SER B 119 13.01 1.70 0.56
CA SER B 119 12.86 0.29 0.87
C SER B 119 13.98 -0.18 1.76
N LYS B 120 13.64 -1.14 2.63
CA LYS B 120 14.61 -1.92 3.34
C LYS B 120 14.11 -3.35 3.53
N LEU B 121 15.04 -4.24 3.82
CA LEU B 121 14.74 -5.63 4.13
C LEU B 121 14.19 -5.73 5.57
N ASN B 122 13.21 -6.61 5.77
CA ASN B 122 12.73 -7.00 7.11
C ASN B 122 11.60 -8.02 7.06
CL CL C . -15.25 1.44 -6.77
#